data_7KME
#
_entry.id   7KME
#
_cell.length_a   71.050
_cell.length_b   71.820
_cell.length_c   73.450
_cell.angle_alpha   90.00
_cell.angle_beta   101.20
_cell.angle_gamma   90.00
#
_symmetry.space_group_name_H-M   'C 1 2 1'
#
loop_
_entity.id
_entity.type
_entity.pdbx_description
1 polymer 'THROMBIN L-CHAIN'
2 polymer 'THROMBIN H-CHAIN'
3 polymer HIRUGEN
4 polymer SEL2711
5 non-polymer 'SODIUM ION'
6 water water
#
loop_
_entity_poly.entity_id
_entity_poly.type
_entity_poly.pdbx_seq_one_letter_code
_entity_poly.pdbx_strand_id
1 'polypeptide(L)' TFGSGEADCGLRPLFEKKSLEDKTERELLESYIDGR L
2 'polypeptide(L)'
;IVEGSDAEIGMSPWQVMLFRKSPQELLCGASLISDRWVLTAAHCLLYPPWDKNFTENDLLVRIGKHSRTRYERNIEKISM
LEKIYIHPRYNWRENLDRDIALMKLKKPVAFSDYIHPVCLPDRETAASLLQAGYKGRVTGWGNLKETWTANVGKGQPSVL
QVVNLPIVERPVCKDSTRIRITDNMFCAGYKPDEGKRGDACEGDSGGPFVMKSPFNNRWYQMGIVSWGEGCDRDGKYGFY
THVFRLKKWIQKVIDQFGE
;
H
3 'polypeptide(L)' DFEEIPEE(TYS)L I
4 'polypeptide(L)' (ACE)(0BN)(CHG)(PRR)LP(NH2) J
#
loop_
_chem_comp.id
_chem_comp.type
_chem_comp.name
_chem_comp.formula
ACE non-polymer 'ACETYL GROUP' 'C2 H4 O'
NA non-polymer 'SODIUM ION' 'Na 1'
NH2 non-polymer 'AMINO GROUP' 'H2 N'
#
# COMPACT_ATOMS: atom_id res chain seq x y z
N ASP A 8 10.78 8.81 -13.94
CA ASP A 8 11.57 7.62 -13.64
C ASP A 8 10.74 6.58 -12.82
N CYS A 9 9.57 6.99 -12.39
CA CYS A 9 8.64 6.17 -11.59
C CYS A 9 8.34 4.78 -12.19
N GLY A 10 8.29 3.83 -11.28
CA GLY A 10 7.86 2.46 -11.58
C GLY A 10 8.82 1.54 -12.32
N LEU A 11 10.04 1.96 -12.45
CA LEU A 11 11.08 1.11 -13.05
C LEU A 11 12.03 0.83 -11.92
N ARG A 12 12.03 -0.42 -11.50
CA ARG A 12 12.83 -0.83 -10.35
C ARG A 12 14.32 -0.95 -10.68
N PRO A 13 15.19 -0.26 -9.91
CA PRO A 13 16.60 -0.37 -10.10
C PRO A 13 17.12 -1.78 -10.24
N LEU A 14 16.66 -2.70 -9.48
CA LEU A 14 17.22 -4.05 -9.54
C LEU A 14 16.48 -4.99 -10.45
N PHE A 15 15.41 -4.52 -11.06
CA PHE A 15 14.68 -5.42 -11.95
C PHE A 15 14.59 -4.84 -13.37
N GLU A 16 13.72 -3.87 -13.57
CA GLU A 16 13.46 -3.32 -14.94
C GLU A 16 14.72 -2.70 -15.54
N LYS A 17 15.41 -1.94 -14.73
CA LYS A 17 16.61 -1.24 -15.19
C LYS A 17 17.72 -2.22 -15.62
N LYS A 18 17.77 -3.47 -15.09
CA LYS A 18 18.76 -4.45 -15.56
C LYS A 18 18.11 -5.52 -16.40
N SER A 19 16.85 -5.33 -16.64
CA SER A 19 16.10 -6.27 -17.45
C SER A 19 15.99 -7.68 -16.76
N LEU A 20 15.98 -7.73 -15.44
CA LEU A 20 15.80 -9.01 -14.68
C LEU A 20 14.31 -9.03 -14.24
N GLU A 21 13.68 -10.13 -14.20
CA GLU A 21 12.26 -10.23 -13.82
C GLU A 21 12.16 -10.75 -12.41
N ASP A 22 11.12 -10.38 -11.67
CA ASP A 22 10.97 -10.98 -10.35
C ASP A 22 10.13 -12.26 -10.55
N LYS A 23 10.21 -13.09 -9.53
CA LYS A 23 9.79 -14.49 -9.56
C LYS A 23 8.31 -14.67 -9.85
N THR A 24 7.49 -13.61 -9.59
CA THR A 24 6.10 -13.90 -9.94
C THR A 24 5.47 -12.78 -10.77
N GLU A 25 6.29 -11.93 -11.37
CA GLU A 25 5.67 -10.83 -12.12
C GLU A 25 4.93 -11.34 -13.35
N ARG A 26 5.38 -12.45 -13.90
CA ARG A 26 4.78 -13.05 -15.11
C ARG A 26 3.37 -13.60 -14.84
N GLU A 27 3.04 -13.91 -13.63
CA GLU A 27 1.69 -14.28 -13.21
C GLU A 27 0.80 -13.04 -13.41
N LEU A 28 1.26 -11.87 -13.04
CA LEU A 28 0.50 -10.65 -13.30
C LEU A 28 0.25 -10.51 -14.82
N LEU A 29 1.36 -10.57 -15.54
CA LEU A 29 1.34 -10.34 -16.98
C LEU A 29 0.46 -11.36 -17.66
N GLU A 30 0.50 -12.62 -17.25
CA GLU A 30 -0.33 -13.62 -17.92
C GLU A 30 -1.81 -13.39 -17.70
N SER A 31 -2.17 -12.56 -16.75
CA SER A 31 -3.59 -12.37 -16.45
C SER A 31 -4.19 -11.26 -17.31
N TYR A 32 -3.34 -10.44 -17.90
CA TYR A 32 -3.78 -9.28 -18.69
C TYR A 32 -3.97 -9.70 -20.16
N ILE B 1 -0.03 -9.83 5.36
CA ILE B 1 -0.40 -10.60 4.19
C ILE B 1 -0.65 -12.04 4.60
N VAL B 2 -1.81 -12.54 4.22
CA VAL B 2 -2.17 -13.93 4.47
C VAL B 2 -1.95 -14.73 3.19
N GLU B 3 -1.09 -15.71 3.36
CA GLU B 3 -0.76 -16.63 2.27
C GLU B 3 0.03 -15.99 1.14
N GLY B 4 0.99 -15.18 1.53
CA GLY B 4 1.94 -14.54 0.60
C GLY B 4 3.28 -15.27 0.66
N SER B 5 4.29 -14.60 0.15
CA SER B 5 5.67 -15.11 0.15
C SER B 5 6.58 -13.96 0.52
N ASP B 6 7.80 -14.30 0.84
CA ASP B 6 8.77 -13.24 1.13
C ASP B 6 9.06 -12.53 -0.23
N ALA B 7 9.01 -11.14 -0.27
CA ALA B 7 9.41 -10.34 -1.47
C ALA B 7 10.92 -10.55 -1.61
N GLU B 8 11.35 -10.39 -2.79
CA GLU B 8 12.75 -10.42 -3.10
C GLU B 8 13.29 -9.06 -2.67
N ILE B 9 14.59 -8.93 -2.60
CA ILE B 9 15.16 -7.65 -2.19
C ILE B 9 15.03 -6.69 -3.39
N GLY B 10 14.54 -5.49 -3.12
CA GLY B 10 14.25 -4.43 -4.08
C GLY B 10 13.08 -4.68 -5.00
N MET B 11 12.29 -5.70 -4.69
CA MET B 11 11.09 -6.06 -5.46
C MET B 11 9.97 -5.04 -5.43
N SER B 12 9.93 -4.24 -4.40
CA SER B 12 8.86 -3.22 -4.19
C SER B 12 9.50 -2.03 -3.52
N PRO B 13 10.32 -1.29 -4.28
CA PRO B 13 11.15 -0.20 -3.75
C PRO B 13 10.44 1.02 -3.30
N TRP B 14 9.13 1.03 -3.46
CA TRP B 14 8.28 2.19 -3.08
C TRP B 14 7.55 1.94 -1.75
N GLN B 15 7.70 0.77 -1.23
CA GLN B 15 7.04 0.29 0.00
C GLN B 15 7.57 1.03 1.22
N VAL B 16 6.73 1.81 1.86
CA VAL B 16 7.04 2.59 3.05
C VAL B 16 6.46 1.97 4.34
N MET B 17 7.20 2.04 5.43
CA MET B 17 6.70 1.61 6.75
C MET B 17 6.37 2.86 7.56
N LEU B 18 5.12 2.90 7.97
CA LEU B 18 4.64 3.95 8.90
C LEU B 18 4.91 3.39 10.31
N PHE B 19 5.69 4.17 11.02
CA PHE B 19 6.26 3.79 12.32
C PHE B 19 5.99 4.82 13.43
N ARG B 20 5.61 4.22 14.54
CA ARG B 20 5.36 4.95 15.79
C ARG B 20 6.67 5.22 16.52
N LYS B 21 6.78 6.48 16.93
CA LYS B 21 7.95 6.94 17.68
C LYS B 21 7.89 6.27 19.05
N SER B 22 6.71 6.25 19.65
CA SER B 22 6.59 5.69 21.01
C SER B 22 5.17 5.39 21.47
N PRO B 23 4.88 4.14 21.77
CA PRO B 23 5.74 2.97 21.61
C PRO B 23 6.21 2.86 20.16
N GLN B 24 7.31 2.16 19.95
CA GLN B 24 8.02 1.95 18.69
C GLN B 24 7.37 0.76 17.97
N GLU B 25 6.41 1.08 17.11
CA GLU B 25 5.66 0.02 16.41
C GLU B 25 5.24 0.43 15.01
N LEU B 26 5.02 -0.62 14.25
CA LEU B 26 4.53 -0.54 12.87
C LEU B 26 3.07 -0.05 12.98
N LEU B 27 2.79 1.05 12.31
CA LEU B 27 1.39 1.53 12.22
C LEU B 27 0.68 0.88 11.02
N CYS B 28 1.32 1.00 9.87
CA CYS B 28 0.73 0.67 8.57
C CYS B 28 1.85 0.63 7.51
N GLY B 29 1.42 0.29 6.31
CA GLY B 29 2.17 0.34 5.05
C GLY B 29 1.93 1.74 4.47
N ALA B 30 2.69 2.04 3.43
CA ALA B 30 2.58 3.38 2.76
C ALA B 30 3.31 3.21 1.43
N SER B 31 3.39 4.24 0.63
CA SER B 31 4.11 4.20 -0.65
C SER B 31 4.66 5.58 -0.98
N LEU B 32 5.83 5.47 -1.58
CA LEU B 32 6.63 6.61 -2.09
C LEU B 32 6.18 6.84 -3.53
N ILE B 33 5.64 8.03 -3.76
CA ILE B 33 5.17 8.45 -5.07
C ILE B 33 6.07 9.51 -5.71
N SER B 34 6.84 10.22 -4.95
CA SER B 34 7.87 11.18 -5.43
C SER B 34 9.04 11.15 -4.45
N ASP B 35 9.93 12.14 -4.46
CA ASP B 35 11.02 12.15 -3.46
C ASP B 35 10.56 12.78 -2.16
N ARG B 36 9.41 13.41 -2.17
CA ARG B 36 8.95 14.03 -0.93
C ARG B 36 7.55 13.64 -0.46
N TRP B 37 6.84 12.78 -1.15
CA TRP B 37 5.42 12.46 -0.84
C TRP B 37 5.21 10.97 -0.69
N VAL B 38 4.49 10.65 0.38
CA VAL B 38 4.09 9.25 0.67
C VAL B 38 2.57 9.18 0.67
N LEU B 39 2.05 8.17 0.03
CA LEU B 39 0.59 7.93 -0.02
C LEU B 39 0.24 6.80 0.98
N THR B 40 -0.83 6.99 1.73
CA THR B 40 -1.31 5.92 2.65
C THR B 40 -2.83 5.97 2.79
N ALA B 41 -3.37 5.17 3.69
CA ALA B 41 -4.84 5.18 3.98
C ALA B 41 -5.11 6.21 5.05
N ALA B 42 -6.19 6.97 4.97
CA ALA B 42 -6.46 7.95 6.06
C ALA B 42 -6.71 7.22 7.38
N HIS B 43 -7.17 5.99 7.31
CA HIS B 43 -7.56 5.27 8.53
C HIS B 43 -6.34 4.87 9.36
N CYS B 44 -5.15 5.05 8.87
CA CYS B 44 -3.85 4.88 9.47
C CYS B 44 -3.54 6.03 10.43
N LEU B 45 -4.08 7.19 10.10
CA LEU B 45 -3.88 8.42 10.87
C LEU B 45 -5.03 8.82 11.77
N LEU B 46 -6.21 8.67 11.25
CA LEU B 46 -7.46 9.09 11.88
C LEU B 46 -8.55 8.02 11.77
N TYR B 47 -8.92 7.57 12.87
CA TYR B 47 -10.04 6.63 13.10
C TYR B 47 -10.67 6.91 14.46
N PRO B 48 -11.46 7.96 14.56
CA PRO B 48 -12.01 8.38 15.84
C PRO B 48 -12.69 7.27 16.63
N PRO B 49 -13.36 6.25 16.08
CA PRO B 49 -13.93 5.19 16.91
C PRO B 49 -12.88 4.41 17.73
N TRP B 50 -11.67 4.24 17.21
CA TRP B 50 -10.61 3.49 17.96
C TRP B 50 -9.63 4.48 18.58
N ASP B 51 -10.14 5.70 18.63
CA ASP B 51 -9.43 6.78 19.29
C ASP B 51 -8.12 7.17 18.61
N LYS B 52 -7.89 6.70 17.41
CA LYS B 52 -6.72 6.96 16.59
C LYS B 52 -6.77 8.32 15.91
N ASN B 53 -5.79 9.16 16.18
CA ASN B 53 -5.68 10.49 15.60
C ASN B 53 -4.24 11.02 15.71
N PHE B 54 -3.40 10.47 14.88
CA PHE B 54 -1.99 10.78 14.72
C PHE B 54 -1.67 12.11 14.04
N THR B 55 -0.63 12.69 14.58
CA THR B 55 0.03 13.92 14.15
C THR B 55 1.44 13.63 13.60
N GLU B 56 1.92 14.62 12.92
CA GLU B 56 3.19 14.67 12.20
C GLU B 56 4.36 14.22 13.08
N ASN B 57 4.34 14.55 14.37
CA ASN B 57 5.48 14.16 15.21
C ASN B 57 5.20 12.87 15.96
N ASP B 58 4.10 12.21 15.67
CA ASP B 58 3.87 10.94 16.37
C ASP B 58 4.51 9.83 15.53
N LEU B 59 4.95 10.28 14.38
CA LEU B 59 5.21 9.39 13.26
C LEU B 59 6.58 9.62 12.60
N LEU B 60 7.07 8.51 12.11
CA LEU B 60 8.30 8.37 11.32
C LEU B 60 7.98 7.42 10.14
N VAL B 61 8.57 7.67 9.03
CA VAL B 61 8.40 6.87 7.80
C VAL B 61 9.77 6.29 7.42
N ARG B 62 9.83 4.99 7.40
CA ARG B 62 11.06 4.25 7.09
C ARG B 62 10.96 3.64 5.70
N ILE B 63 11.86 4.07 4.85
CA ILE B 63 11.90 3.61 3.45
C ILE B 63 13.19 2.79 3.20
N GLY B 64 13.01 1.79 2.34
CA GLY B 64 14.10 0.90 1.87
C GLY B 64 14.19 -0.42 2.65
N LYS B 65 13.28 -0.59 3.59
CA LYS B 65 13.35 -1.76 4.48
C LYS B 65 12.95 -3.04 3.76
N HIS B 66 13.40 -4.13 4.35
CA HIS B 66 13.11 -5.48 3.89
C HIS B 66 12.66 -6.29 5.12
N SER B 67 13.44 -6.15 6.18
CA SER B 67 13.15 -6.79 7.47
C SER B 67 12.19 -5.87 8.20
N ARG B 68 11.23 -6.51 8.80
CA ARG B 68 10.15 -5.86 9.52
C ARG B 68 10.68 -5.15 10.79
N THR B 69 11.54 -5.83 11.50
CA THR B 69 11.97 -5.40 12.82
C THR B 69 13.39 -4.83 12.89
N ARG B 70 14.33 -5.17 12.11
CA ARG B 70 15.71 -4.72 12.10
C ARG B 70 15.90 -3.29 11.59
N TYR B 71 16.90 -2.61 12.17
CA TYR B 71 17.31 -1.28 11.69
C TYR B 71 18.32 -1.69 10.61
N GLU B 72 17.99 -1.66 9.37
CA GLU B 72 18.85 -2.01 8.21
C GLU B 72 19.77 -0.81 7.97
N ARG B 73 20.77 -0.81 8.87
CA ARG B 73 21.74 0.30 9.09
C ARG B 73 22.18 1.11 7.89
N ASN B 74 22.57 0.54 6.78
CA ASN B 74 22.96 1.45 5.67
C ASN B 74 22.02 1.27 4.48
N ILE B 75 20.88 0.62 4.64
CA ILE B 75 20.05 0.50 3.45
C ILE B 75 18.75 1.33 3.61
N GLU B 76 18.11 1.33 4.79
CA GLU B 76 16.87 2.13 4.96
C GLU B 76 17.17 3.55 5.45
N LYS B 77 16.20 4.34 5.05
CA LYS B 77 16.27 5.77 5.37
C LYS B 77 15.02 5.99 6.23
N ILE B 78 15.14 6.78 7.24
CA ILE B 78 14.03 7.07 8.18
C ILE B 78 13.75 8.56 8.04
N SER B 79 12.51 8.95 7.64
CA SER B 79 12.32 10.40 7.55
C SER B 79 11.25 10.90 8.48
N MET B 80 11.32 12.20 8.62
CA MET B 80 10.39 12.97 9.39
C MET B 80 9.37 13.60 8.43
N LEU B 81 8.22 13.86 9.00
CA LEU B 81 7.09 14.42 8.26
C LEU B 81 6.92 15.94 8.57
N GLU B 82 6.55 16.77 7.59
CA GLU B 82 6.27 18.25 7.78
C GLU B 82 4.76 18.47 7.93
N LYS B 83 4.03 17.58 7.13
CA LYS B 83 2.56 17.65 7.06
C LYS B 83 1.85 16.40 6.50
N ILE B 84 0.68 16.21 7.12
CA ILE B 84 -0.28 15.16 6.82
C ILE B 84 -1.54 15.84 6.25
N TYR B 85 -2.04 15.30 5.14
CA TYR B 85 -3.26 15.73 4.46
C TYR B 85 -4.19 14.51 4.33
N ILE B 86 -5.36 14.65 4.93
CA ILE B 86 -6.39 13.61 4.86
C ILE B 86 -7.44 14.05 3.84
N HIS B 87 -7.97 13.19 3.01
CA HIS B 87 -9.09 13.59 2.14
C HIS B 87 -10.13 14.27 3.03
N PRO B 88 -10.67 15.44 2.51
CA PRO B 88 -11.59 16.18 3.35
C PRO B 88 -12.87 15.42 3.52
N ARG B 89 -13.15 14.44 2.65
CA ARG B 89 -14.42 13.69 2.76
C ARG B 89 -14.23 12.20 2.98
N TYR B 90 -13.21 11.91 3.72
CA TYR B 90 -12.91 10.56 4.16
C TYR B 90 -14.03 10.23 5.14
N ASN B 91 -14.79 9.23 4.89
CA ASN B 91 -15.96 8.92 5.73
C ASN B 91 -15.60 7.88 6.78
N TRP B 92 -15.07 8.27 7.87
CA TRP B 92 -14.72 7.26 8.83
C TRP B 92 -16.01 6.78 9.55
N ARG B 93 -17.03 7.64 9.57
CA ARG B 93 -18.31 7.31 10.24
C ARG B 93 -18.97 6.10 9.64
N GLU B 94 -18.85 5.91 8.34
CA GLU B 94 -19.62 4.80 7.77
C GLU B 94 -18.83 3.70 7.06
N ASN B 95 -18.16 3.99 5.96
CA ASN B 95 -17.52 2.86 5.27
C ASN B 95 -16.08 3.09 4.84
N LEU B 96 -15.45 4.13 5.37
CA LEU B 96 -14.06 4.44 5.02
C LEU B 96 -13.96 4.83 3.55
N ASP B 97 -14.99 5.48 3.11
CA ASP B 97 -15.03 5.90 1.72
C ASP B 97 -14.05 7.05 1.62
N ARG B 98 -13.22 6.99 0.55
CA ARG B 98 -12.09 7.93 0.35
C ARG B 98 -11.03 7.83 1.42
N ASP B 99 -10.60 6.60 1.63
CA ASP B 99 -9.59 6.26 2.67
C ASP B 99 -8.20 6.64 2.10
N ILE B 100 -7.85 7.91 2.17
CA ILE B 100 -6.61 8.35 1.49
C ILE B 100 -6.05 9.59 2.16
N ALA B 101 -4.71 9.57 2.26
CA ALA B 101 -3.99 10.70 2.89
C ALA B 101 -2.68 10.84 2.10
N LEU B 102 -2.04 11.98 2.27
CA LEU B 102 -0.73 12.28 1.67
C LEU B 102 0.20 12.70 2.80
N MET B 103 1.44 12.24 2.76
CA MET B 103 2.36 12.75 3.83
C MET B 103 3.55 13.42 3.14
N LYS B 104 3.85 14.63 3.53
CA LYS B 104 4.96 15.42 3.00
C LYS B 104 6.22 15.22 3.85
N LEU B 105 7.28 14.66 3.32
CA LEU B 105 8.51 14.44 4.13
C LEU B 105 9.17 15.76 4.47
N LYS B 106 9.88 15.82 5.60
CA LYS B 106 10.58 17.09 5.93
C LYS B 106 11.69 17.35 4.92
N LYS B 107 12.32 16.30 4.42
CA LYS B 107 13.34 16.43 3.37
C LYS B 107 13.21 15.33 2.34
N PRO B 108 13.52 15.69 1.10
CA PRO B 108 13.52 14.74 -0.01
C PRO B 108 14.46 13.60 0.34
N VAL B 109 14.06 12.45 -0.12
CA VAL B 109 14.85 11.23 0.06
C VAL B 109 15.59 10.95 -1.24
N ALA B 110 16.75 10.32 -1.09
CA ALA B 110 17.57 9.95 -2.24
C ALA B 110 17.14 8.55 -2.66
N PHE B 111 16.95 8.40 -3.95
CA PHE B 111 16.64 7.13 -4.62
C PHE B 111 17.90 6.30 -4.57
N SER B 112 17.70 5.00 -4.58
CA SER B 112 18.77 4.00 -4.40
C SER B 112 18.26 2.73 -5.05
N ASP B 113 18.98 1.65 -4.87
CA ASP B 113 18.58 0.38 -5.48
C ASP B 113 17.33 -0.16 -4.79
N TYR B 114 17.08 0.32 -3.58
CA TYR B 114 16.06 -0.11 -2.63
C TYR B 114 14.87 0.84 -2.47
N ILE B 115 15.05 2.05 -2.94
CA ILE B 115 14.12 3.18 -2.86
C ILE B 115 13.88 3.73 -4.28
N HIS B 116 12.62 3.92 -4.57
CA HIS B 116 12.24 4.38 -5.92
C HIS B 116 10.73 4.55 -5.92
N PRO B 117 10.23 5.64 -6.47
CA PRO B 117 8.78 5.91 -6.48
C PRO B 117 8.03 5.13 -7.53
N VAL B 118 6.78 4.80 -7.11
CA VAL B 118 5.86 4.00 -7.94
C VAL B 118 5.17 5.10 -8.77
N CYS B 119 4.64 4.76 -9.92
CA CYS B 119 3.87 5.73 -10.69
C CYS B 119 2.39 5.75 -10.22
N LEU B 120 1.71 6.86 -10.48
CA LEU B 120 0.26 7.02 -10.28
C LEU B 120 -0.39 6.86 -11.66
N PRO B 121 -1.48 6.13 -11.71
CA PRO B 121 -2.19 5.89 -12.95
C PRO B 121 -2.84 7.13 -13.53
N ASP B 122 -2.81 7.17 -14.83
CA ASP B 122 -3.49 8.12 -15.72
C ASP B 122 -4.81 7.46 -16.18
N ARG B 123 -5.76 8.28 -16.64
CA ARG B 123 -7.08 7.74 -16.99
C ARG B 123 -7.00 6.52 -17.88
N GLU B 124 -6.08 6.54 -18.77
CA GLU B 124 -5.96 5.49 -19.78
C GLU B 124 -5.40 4.21 -19.15
N THR B 125 -4.51 4.44 -18.18
CA THR B 125 -3.89 3.30 -17.47
C THR B 125 -4.96 2.68 -16.55
N ALA B 126 -5.64 3.51 -15.82
CA ALA B 126 -6.72 3.03 -14.96
C ALA B 126 -7.67 2.15 -15.79
N ALA B 127 -8.08 2.72 -16.91
CA ALA B 127 -9.09 2.13 -17.81
C ALA B 127 -8.78 0.75 -18.41
N SER B 128 -7.54 0.48 -18.79
CA SER B 128 -7.21 -0.82 -19.38
C SER B 128 -6.70 -1.84 -18.36
N LEU B 129 -6.30 -1.40 -17.18
CA LEU B 129 -5.77 -2.38 -16.21
C LEU B 129 -6.81 -2.80 -15.15
N LEU B 130 -7.56 -1.83 -14.65
CA LEU B 130 -8.59 -2.07 -13.60
C LEU B 130 -9.75 -2.89 -14.19
N GLN B 131 -9.49 -4.19 -14.34
CA GLN B 131 -10.47 -5.10 -14.91
C GLN B 131 -10.51 -6.48 -14.24
N ALA B 132 -11.74 -6.83 -13.88
CA ALA B 132 -12.07 -8.11 -13.25
C ALA B 132 -11.25 -9.24 -13.87
N GLY B 133 -10.54 -9.95 -13.02
CA GLY B 133 -9.73 -11.09 -13.48
C GLY B 133 -8.24 -10.75 -13.61
N TYR B 134 -7.88 -9.47 -13.71
CA TYR B 134 -6.45 -9.05 -13.82
C TYR B 134 -5.82 -8.94 -12.43
N LYS B 135 -4.63 -9.46 -12.28
CA LYS B 135 -4.01 -9.49 -10.93
C LYS B 135 -3.10 -8.30 -10.64
N GLY B 136 -3.14 -7.92 -9.35
CA GLY B 136 -2.46 -6.79 -8.76
C GLY B 136 -1.58 -7.40 -7.66
N ARG B 137 -0.75 -6.62 -6.99
CA ARG B 137 0.17 -7.22 -6.01
C ARG B 137 0.08 -6.31 -4.81
N VAL B 138 0.03 -6.98 -3.62
CA VAL B 138 -0.07 -6.19 -2.37
C VAL B 138 1.15 -6.62 -1.57
N THR B 139 1.74 -5.66 -0.89
CA THR B 139 2.93 -6.03 -0.10
C THR B 139 2.72 -5.50 1.30
N GLY B 140 3.40 -6.11 2.27
CA GLY B 140 3.32 -5.53 3.64
C GLY B 140 3.96 -6.50 4.66
N TRP B 141 4.04 -5.97 5.86
CA TRP B 141 4.61 -6.50 7.09
C TRP B 141 3.53 -6.86 8.13
N GLY B 142 2.29 -6.91 7.64
CA GLY B 142 1.10 -7.16 8.45
C GLY B 142 1.07 -8.61 8.92
N ASN B 143 -0.01 -8.86 9.64
CA ASN B 143 -0.20 -10.20 10.22
C ASN B 143 -0.23 -11.18 9.05
N LEU B 144 0.25 -12.36 9.43
CA LEU B 144 0.25 -13.51 8.51
C LEU B 144 -1.07 -14.28 8.54
N LYS B 145 -1.80 -14.05 9.61
CA LYS B 145 -3.02 -14.77 10.02
C LYS B 145 -3.98 -13.79 10.67
N GLU B 146 -5.25 -14.09 10.47
CA GLU B 146 -6.30 -13.20 11.00
C GLU B 146 -6.27 -13.14 12.52
N THR B 147 -6.09 -14.34 13.03
CA THR B 147 -5.98 -14.76 14.44
C THR B 147 -4.60 -14.45 15.03
N GLY B 155 3.07 -15.58 12.75
CA GLY B 155 2.28 -14.52 13.37
C GLY B 155 2.55 -13.18 12.67
N GLN B 156 3.77 -12.71 12.86
CA GLN B 156 4.30 -11.49 12.22
C GLN B 156 5.52 -11.93 11.40
N PRO B 157 5.56 -11.41 10.19
CA PRO B 157 6.65 -11.82 9.28
C PRO B 157 7.90 -11.06 9.73
N SER B 158 8.93 -11.72 9.28
CA SER B 158 10.33 -11.35 9.48
C SER B 158 10.77 -10.31 8.44
N VAL B 159 10.33 -10.61 7.25
CA VAL B 159 10.63 -10.01 5.94
C VAL B 159 9.33 -9.61 5.26
N LEU B 160 9.51 -8.72 4.28
CA LEU B 160 8.36 -8.27 3.48
C LEU B 160 7.75 -9.41 2.70
N GLN B 161 6.44 -9.39 2.73
CA GLN B 161 5.51 -10.35 2.11
C GLN B 161 4.81 -9.73 0.91
N VAL B 162 4.55 -10.56 -0.05
CA VAL B 162 3.87 -10.20 -1.28
C VAL B 162 2.81 -11.22 -1.61
N VAL B 163 1.77 -10.77 -2.26
CA VAL B 163 0.75 -11.69 -2.80
C VAL B 163 0.09 -11.02 -3.98
N ASN B 164 -0.26 -11.85 -4.94
CA ASN B 164 -0.86 -11.41 -6.21
C ASN B 164 -2.34 -11.78 -6.17
N LEU B 165 -3.22 -10.88 -6.44
CA LEU B 165 -4.67 -11.24 -6.34
C LEU B 165 -5.42 -10.68 -7.56
N PRO B 166 -6.50 -11.36 -7.90
CA PRO B 166 -7.36 -10.94 -9.00
C PRO B 166 -8.25 -9.77 -8.63
N ILE B 167 -8.58 -8.92 -9.58
CA ILE B 167 -9.61 -7.87 -9.31
C ILE B 167 -10.95 -8.61 -9.47
N VAL B 168 -11.91 -8.27 -8.64
CA VAL B 168 -13.21 -8.99 -8.62
C VAL B 168 -14.26 -8.08 -9.23
N GLU B 169 -15.26 -8.61 -9.89
CA GLU B 169 -16.40 -7.86 -10.47
C GLU B 169 -17.12 -7.05 -9.40
N ARG B 170 -17.58 -5.83 -9.54
CA ARG B 170 -18.26 -4.99 -8.57
C ARG B 170 -19.48 -5.66 -7.89
N PRO B 171 -20.31 -6.27 -8.72
CA PRO B 171 -21.46 -7.05 -8.21
C PRO B 171 -21.00 -8.06 -7.17
N VAL B 172 -19.99 -8.88 -7.37
CA VAL B 172 -19.49 -9.84 -6.37
C VAL B 172 -19.01 -9.15 -5.10
N CYS B 173 -18.28 -8.06 -5.28
CA CYS B 173 -17.78 -7.27 -4.15
C CYS B 173 -18.96 -6.97 -3.22
N LYS B 174 -19.92 -6.26 -3.79
CA LYS B 174 -21.15 -5.82 -3.15
C LYS B 174 -21.95 -6.92 -2.41
N ASP B 175 -22.16 -8.03 -3.05
CA ASP B 175 -22.97 -9.15 -2.53
C ASP B 175 -22.22 -9.98 -1.49
N SER B 176 -21.03 -9.54 -1.15
CA SER B 176 -20.21 -10.28 -0.19
C SER B 176 -20.23 -9.55 1.14
N THR B 177 -20.80 -8.39 1.15
CA THR B 177 -20.84 -7.62 2.37
C THR B 177 -22.18 -6.91 2.51
N ARG B 178 -22.41 -6.43 3.71
CA ARG B 178 -23.60 -5.67 4.03
C ARG B 178 -23.27 -4.19 3.97
N ILE B 179 -21.98 -3.89 3.88
CA ILE B 179 -21.49 -2.49 3.86
C ILE B 179 -21.65 -1.91 2.46
N ARG B 180 -21.94 -0.61 2.46
CA ARG B 180 -22.13 0.19 1.25
C ARG B 180 -20.80 0.50 0.54
N ILE B 181 -20.57 -0.15 -0.58
CA ILE B 181 -19.42 -0.04 -1.48
C ILE B 181 -19.59 1.13 -2.47
N THR B 182 -18.67 2.06 -2.44
CA THR B 182 -18.62 3.22 -3.33
C THR B 182 -17.72 3.02 -4.53
N ASP B 183 -17.89 3.94 -5.47
CA ASP B 183 -17.15 3.95 -6.75
C ASP B 183 -15.66 4.23 -6.45
N ASN B 184 -15.41 4.80 -5.29
CA ASN B 184 -14.05 5.01 -4.79
C ASN B 184 -13.43 3.75 -4.19
N MET B 185 -13.95 2.59 -4.47
CA MET B 185 -13.41 1.35 -3.92
C MET B 185 -13.42 0.29 -5.00
N PHE B 186 -12.52 -0.66 -4.90
CA PHE B 186 -12.54 -1.89 -5.68
C PHE B 186 -12.23 -2.95 -4.63
N CYS B 187 -12.52 -4.19 -4.90
CA CYS B 187 -12.20 -5.29 -3.97
C CYS B 187 -11.44 -6.32 -4.83
N ALA B 188 -10.59 -7.08 -4.21
CA ALA B 188 -9.76 -8.08 -4.90
C ALA B 188 -9.53 -9.31 -3.98
N GLY B 189 -9.38 -10.44 -4.62
CA GLY B 189 -9.13 -11.72 -3.93
C GLY B 189 -9.69 -12.86 -4.75
N TYR B 190 -9.29 -14.09 -4.41
CA TYR B 190 -9.91 -15.27 -5.05
C TYR B 190 -11.30 -15.52 -4.46
N LYS B 191 -12.08 -16.22 -5.25
CA LYS B 191 -13.42 -16.71 -4.93
C LYS B 191 -13.20 -18.04 -4.18
N PRO B 192 -14.20 -18.39 -3.37
CA PRO B 192 -14.20 -19.66 -2.64
C PRO B 192 -13.92 -20.84 -3.55
N ASP B 193 -14.22 -20.69 -4.83
CA ASP B 193 -14.14 -21.71 -5.87
C ASP B 193 -12.81 -21.81 -6.60
N GLU B 194 -12.02 -20.75 -6.62
CA GLU B 194 -10.79 -20.66 -7.39
C GLU B 194 -9.62 -21.50 -6.89
N GLY B 195 -9.61 -21.88 -5.63
CA GLY B 195 -8.53 -22.75 -5.16
C GLY B 195 -7.20 -22.05 -4.92
N LYS B 196 -7.23 -20.74 -4.71
CA LYS B 196 -6.01 -20.01 -4.35
C LYS B 196 -6.52 -19.02 -3.31
N ARG B 197 -5.69 -18.66 -2.36
CA ARG B 197 -6.15 -17.62 -1.41
C ARG B 197 -5.06 -16.58 -1.22
N GLY B 198 -5.25 -15.64 -0.32
CA GLY B 198 -4.30 -14.59 0.04
C GLY B 198 -5.08 -13.33 0.32
N ASP B 199 -4.48 -12.45 1.12
CA ASP B 199 -5.17 -11.17 1.40
C ASP B 199 -4.23 -10.34 2.26
N ALA B 200 -4.47 -9.04 2.23
CA ALA B 200 -3.82 -8.16 3.20
C ALA B 200 -4.49 -8.60 4.55
N CYS B 201 -4.07 -7.95 5.59
CA CYS B 201 -4.48 -8.15 6.96
C CYS B 201 -3.95 -6.92 7.71
N GLU B 202 -4.47 -6.80 8.90
CA GLU B 202 -4.02 -5.72 9.82
C GLU B 202 -2.54 -5.53 9.68
N GLY B 203 -2.13 -4.29 9.70
CA GLY B 203 -0.71 -3.92 9.63
C GLY B 203 -0.23 -3.71 8.18
N ASP B 204 -1.04 -4.16 7.22
CA ASP B 204 -0.74 -4.01 5.76
C ASP B 204 -1.42 -2.74 5.22
N SER B 205 -2.41 -2.34 5.97
CA SER B 205 -3.22 -1.13 5.77
C SER B 205 -2.35 0.02 5.25
N GLY B 206 -2.88 0.82 4.34
CA GLY B 206 -2.15 1.99 3.81
C GLY B 206 -1.20 1.59 2.69
N GLY B 207 -0.86 0.32 2.52
CA GLY B 207 0.04 -0.16 1.49
C GLY B 207 -0.53 -0.05 0.08
N PRO B 208 0.34 -0.42 -0.87
CA PRO B 208 0.00 -0.31 -2.29
C PRO B 208 -0.51 -1.62 -2.88
N PHE B 209 -1.55 -1.54 -3.67
CA PHE B 209 -1.99 -2.55 -4.67
C PHE B 209 -1.43 -2.01 -6.00
N VAL B 210 -0.52 -2.74 -6.63
CA VAL B 210 0.12 -2.25 -7.88
C VAL B 210 -0.04 -3.25 -8.99
N MET B 211 0.05 -2.73 -10.20
CA MET B 211 -0.02 -3.54 -11.41
C MET B 211 1.09 -3.04 -12.33
N LYS B 212 1.60 -3.96 -13.11
CA LYS B 212 2.63 -3.66 -14.12
C LYS B 212 1.96 -3.52 -15.45
N SER B 213 2.08 -2.35 -16.06
CA SER B 213 1.57 -2.05 -17.41
C SER B 213 2.28 -2.89 -18.48
N PRO B 214 1.48 -3.61 -19.23
CA PRO B 214 2.04 -4.42 -20.32
C PRO B 214 2.47 -3.56 -21.51
N PHE B 215 2.24 -2.20 -21.42
CA PHE B 215 2.51 -1.38 -22.60
C PHE B 215 3.85 -0.66 -22.46
N ASN B 216 4.13 -0.15 -21.28
CA ASN B 216 5.36 0.60 -21.05
C ASN B 216 6.19 -0.02 -19.91
N ASN B 217 5.76 -1.19 -19.50
CA ASN B 217 6.51 -2.03 -18.56
C ASN B 217 6.77 -1.31 -17.22
N ARG B 218 6.01 -0.37 -16.77
CA ARG B 218 6.04 0.33 -15.53
C ARG B 218 5.03 -0.25 -14.50
N TRP B 219 5.34 0.06 -13.26
CA TRP B 219 4.47 -0.36 -12.14
C TRP B 219 3.69 0.91 -11.75
N TYR B 220 2.39 0.65 -11.65
CA TYR B 220 1.41 1.64 -11.21
C TYR B 220 0.67 1.12 -9.95
N GLN B 221 0.44 2.10 -9.10
CA GLN B 221 -0.35 1.90 -7.88
C GLN B 221 -1.82 2.21 -8.16
N MET B 222 -2.59 1.14 -8.31
CA MET B 222 -4.04 1.23 -8.56
C MET B 222 -4.81 1.35 -7.25
N GLY B 223 -4.37 0.71 -6.18
CA GLY B 223 -5.12 0.76 -4.93
C GLY B 223 -4.29 0.80 -3.68
N ILE B 224 -4.97 1.24 -2.63
CA ILE B 224 -4.50 1.32 -1.25
C ILE B 224 -5.30 0.30 -0.40
N VAL B 225 -4.62 -0.54 0.33
CA VAL B 225 -5.20 -1.44 1.34
C VAL B 225 -6.05 -0.62 2.31
N SER B 226 -7.36 -0.87 2.21
CA SER B 226 -8.35 -0.11 2.95
C SER B 226 -8.96 -0.87 4.13
N TRP B 227 -9.78 -1.88 3.84
CA TRP B 227 -10.59 -2.62 4.82
C TRP B 227 -11.00 -3.95 4.23
N GLY B 228 -11.43 -4.79 5.17
CA GLY B 228 -11.96 -6.13 4.88
C GLY B 228 -12.64 -6.63 6.19
N GLU B 229 -13.35 -7.70 5.98
CA GLU B 229 -14.11 -8.49 6.97
C GLU B 229 -13.32 -9.75 7.23
N GLY B 230 -12.45 -9.60 8.22
CA GLY B 230 -11.50 -10.70 8.51
C GLY B 230 -10.24 -10.38 7.68
N CYS B 231 -9.51 -11.42 7.38
CA CYS B 231 -8.33 -11.63 6.60
C CYS B 231 -8.44 -13.04 5.98
N ASP B 232 -8.52 -13.13 4.76
CA ASP B 232 -8.48 -14.33 3.93
C ASP B 232 -9.63 -15.32 4.28
N ARG B 233 -10.77 -14.74 4.54
CA ARG B 233 -12.00 -15.49 4.86
C ARG B 233 -12.70 -15.87 3.56
N ASP B 234 -13.15 -17.12 3.46
CA ASP B 234 -13.84 -17.54 2.21
C ASP B 234 -15.07 -16.68 1.99
N GLY B 235 -15.26 -16.46 0.72
CA GLY B 235 -16.39 -15.63 0.32
C GLY B 235 -16.19 -14.20 0.80
N LYS B 236 -14.96 -13.82 1.15
CA LYS B 236 -14.81 -12.40 1.48
C LYS B 236 -13.57 -11.86 0.75
N TYR B 237 -13.62 -10.57 0.54
CA TYR B 237 -12.64 -9.85 -0.26
C TYR B 237 -11.99 -8.67 0.46
N GLY B 238 -10.82 -8.35 -0.06
CA GLY B 238 -10.10 -7.12 0.35
C GLY B 238 -10.64 -5.97 -0.50
N PHE B 239 -10.80 -4.84 0.18
CA PHE B 239 -11.29 -3.56 -0.40
C PHE B 239 -10.10 -2.61 -0.36
N TYR B 240 -10.05 -1.80 -1.38
CA TYR B 240 -8.94 -0.88 -1.64
C TYR B 240 -9.41 0.44 -2.15
N THR B 241 -8.76 1.52 -1.73
CA THR B 241 -9.15 2.85 -2.27
C THR B 241 -8.76 2.83 -3.78
N HIS B 242 -9.63 3.37 -4.60
CA HIS B 242 -9.43 3.55 -6.06
C HIS B 242 -8.63 4.85 -6.22
N VAL B 243 -7.32 4.69 -6.34
CA VAL B 243 -6.38 5.83 -6.44
C VAL B 243 -6.72 6.70 -7.65
N PHE B 244 -6.91 6.12 -8.85
CA PHE B 244 -7.30 6.91 -10.00
C PHE B 244 -8.47 7.84 -9.75
N ARG B 245 -9.58 7.38 -9.17
CA ARG B 245 -10.74 8.23 -8.90
C ARG B 245 -10.40 9.39 -7.96
N LEU B 246 -9.35 9.28 -7.18
CA LEU B 246 -8.97 10.35 -6.25
C LEU B 246 -7.74 11.15 -6.66
N LYS B 247 -7.22 10.88 -7.83
CA LYS B 247 -6.07 11.49 -8.49
C LYS B 247 -6.13 13.01 -8.45
N LYS B 248 -7.31 13.49 -8.83
CA LYS B 248 -7.56 14.94 -8.88
C LYS B 248 -7.24 15.60 -7.54
N TRP B 249 -7.68 14.98 -6.46
CA TRP B 249 -7.40 15.40 -5.09
C TRP B 249 -5.89 15.37 -4.83
N ILE B 250 -5.26 14.31 -5.29
CA ILE B 250 -3.83 14.07 -5.04
C ILE B 250 -2.99 15.18 -5.68
N GLN B 251 -3.32 15.53 -6.92
CA GLN B 251 -2.64 16.56 -7.72
C GLN B 251 -2.79 17.92 -7.04
N LYS B 252 -4.02 18.13 -6.77
CA LYS B 252 -4.54 19.35 -6.19
C LYS B 252 -3.76 19.69 -4.90
N VAL B 253 -3.49 18.71 -4.02
CA VAL B 253 -2.77 19.10 -2.80
C VAL B 253 -1.27 19.23 -3.05
N ILE B 254 -0.70 18.41 -3.91
CA ILE B 254 0.75 18.46 -4.18
C ILE B 254 1.13 19.81 -4.80
N ASP B 255 0.18 20.34 -5.57
CA ASP B 255 0.32 21.66 -6.22
C ASP B 255 -0.17 22.78 -5.18
N GLN B 256 -1.27 22.63 -4.53
CA GLN B 256 -1.69 23.43 -3.36
C GLN B 256 -0.43 23.58 -2.37
N PHE B 257 0.59 22.69 -2.34
CA PHE B 257 1.85 22.94 -1.48
C PHE B 257 2.83 21.79 -1.63
N GLY B 258 3.68 21.73 -2.60
CA GLY B 258 4.54 20.51 -2.66
C GLY B 258 5.68 20.72 -3.26
N GLU B 259 6.23 19.84 -4.11
CA GLU B 259 5.35 18.96 -4.88
C GLU B 259 5.78 18.69 -6.18
N ASP C 1 11.00 -6.72 20.35
CA ASP C 1 10.64 -7.02 18.95
C ASP C 1 11.32 -6.04 18.01
N PHE C 2 10.93 -4.78 17.97
CA PHE C 2 11.60 -3.80 17.10
C PHE C 2 13.00 -3.46 17.61
N GLU C 3 13.95 -3.48 16.70
CA GLU C 3 15.32 -3.03 17.04
C GLU C 3 15.31 -1.53 17.22
N GLU C 4 16.20 -1.04 18.05
CA GLU C 4 16.29 0.37 18.45
C GLU C 4 16.81 1.21 17.29
N ILE C 5 16.19 2.36 17.07
CA ILE C 5 16.66 3.21 15.97
C ILE C 5 17.56 4.31 16.50
N PRO C 6 18.45 4.74 15.61
CA PRO C 6 19.34 5.87 15.89
C PRO C 6 18.54 7.03 16.47
N GLU C 7 19.04 7.46 17.62
CA GLU C 7 18.50 8.51 18.48
C GLU C 7 17.99 9.68 17.64
N GLU C 8 18.82 10.10 16.71
CA GLU C 8 18.53 11.22 15.82
C GLU C 8 17.20 11.18 15.08
N TYS C 9 16.55 10.03 14.95
CA TYS C 9 15.27 9.98 14.20
CB TYS C 9 15.05 8.56 13.65
CG TYS C 9 16.14 8.41 12.59
CD1 TYS C 9 16.23 9.44 11.63
CD2 TYS C 9 17.11 7.44 12.67
CE1 TYS C 9 17.22 9.39 10.65
CE2 TYS C 9 18.08 7.35 11.66
CZ TYS C 9 18.16 8.36 10.69
OH TYS C 9 19.15 8.23 9.75
S TYS C 9 18.85 7.35 8.38
O1 TYS C 9 18.39 6.07 8.77
O2 TYS C 9 17.93 8.28 7.75
O3 TYS C 9 20.11 7.31 7.61
C TYS C 9 14.11 10.50 15.02
O TYS C 9 13.21 11.17 14.48
N LEU C 10 14.32 10.30 16.31
CA LEU C 10 13.47 10.75 17.41
C LEU C 10 13.87 12.17 17.83
C ACE D 1 -9.71 -0.56 9.92
O ACE D 1 -11.05 -0.60 9.50
CH3 ACE D 1 -9.21 0.61 10.65
N 0BN D 2 -8.94 -1.56 9.64
CA 0BN D 2 -8.96 -2.38 8.56
C 0BN D 2 -9.98 -3.43 8.77
O 0BN D 2 -10.77 -3.84 7.83
N2 0BN D 2 -7.93 -8.09 4.65
N3 0BN D 2 -7.74 -6.60 3.15
C3 0BN D 2 -7.55 -4.01 7.26
C4 0BN D 2 -7.47 -3.69 5.95
C5 0BN D 2 -7.57 -4.66 4.93
C6 0BN D 2 -7.73 -5.97 5.24
C7 0BN D 2 -7.76 -6.35 6.59
C8 0BN D 2 -7.72 -5.41 7.62
C9 0BN D 2 -7.48 -3.07 8.29
C10 0BN D 2 -7.80 -6.85 4.32
N CHG D 3 -9.96 -4.06 9.90
CA CHG D 3 -10.73 -5.26 10.22
C CHG D 3 -12.18 -4.81 10.61
O CHG D 3 -12.40 -4.02 11.54
C1 CHG D 3 -10.07 -6.16 11.29
C2 CHG D 3 -10.95 -7.43 11.35
C3 CHG D 3 -10.18 -8.54 12.03
C4 CHG D 3 -8.95 -8.85 11.22
C5 CHG D 3 -8.10 -7.58 11.35
C6 CHG D 3 -8.82 -6.55 10.67
N PRR D 4 -13.27 -5.23 9.66
CA PRR D 4 -14.73 -4.96 9.95
C PRR D 4 -15.34 -6.10 10.69
O PRR D 4 -14.91 -7.53 10.57
N1 PRR D 4 -16.08 -0.79 8.77
C2 PRR D 4 -14.82 -0.17 8.62
C3 PRR D 4 -13.74 -1.00 8.50
C4 PRR D 4 -13.84 -2.36 8.50
C5 PRR D 4 -15.19 -4.42 8.65
C8 PRR D 4 -15.07 -2.96 8.60
C9 PRR D 4 -16.22 -2.18 8.80
C10 PRR D 4 -17.17 -0.04 8.93
NA NA E . -24.70 -5.82 -0.09
NA NA F . -11.28 -14.76 0.58
#